data_3UCR
#
_entry.id   3UCR
#
_cell.length_a   99.964
_cell.length_b   99.964
_cell.length_c   117.519
_cell.angle_alpha   90.00
_cell.angle_beta   90.00
_cell.angle_gamma   120.00
#
_symmetry.space_group_name_H-M   'P 32 2 1'
#
loop_
_entity.id
_entity.type
_entity.pdbx_description
1 polymer 'T cell immunoreceptor with Ig and ITIM domains'
2 non-polymer 'CHLORIDE ION'
3 water water
#
_entity_poly.entity_id   1
_entity_poly.type   'polypeptide(L)'
_entity_poly.pdbx_seq_one_letter_code
;GSHHMTGTIETTGNISAEKGGSIILQCHLSSTTAQVTQVNWEQQDQLLAICNADLGWHISPSFKDRVAPGPGLGLTLQSL
TVNDTGEYFCIYHTYPDGTYTGRIFLEVLE
;
_entity_poly.pdbx_strand_id   A,B,C,D
#
# COMPACT_ATOMS: atom_id res chain seq x y z
N MET A 5 -16.36 -10.96 -10.06
CA MET A 5 -15.77 -9.62 -10.07
C MET A 5 -16.57 -8.64 -10.94
N THR A 6 -17.41 -7.84 -10.27
CA THR A 6 -18.47 -7.06 -10.91
C THR A 6 -18.07 -5.68 -11.45
N GLY A 7 -17.05 -5.08 -10.84
CA GLY A 7 -16.67 -3.73 -11.18
C GLY A 7 -15.93 -3.63 -12.48
N THR A 8 -15.87 -2.41 -13.02
CA THR A 8 -15.07 -2.10 -14.20
C THR A 8 -14.23 -0.85 -14.01
N ILE A 9 -13.02 -0.92 -14.54
CA ILE A 9 -12.09 0.16 -14.40
C ILE A 9 -11.99 0.84 -15.75
N GLU A 10 -12.14 2.16 -15.76
CA GLU A 10 -12.00 2.96 -16.97
C GLU A 10 -10.73 3.82 -16.92
N THR A 11 -10.05 3.96 -18.05
CA THR A 11 -8.85 4.80 -18.08
C THR A 11 -8.92 5.88 -19.16
N THR A 12 -7.86 6.69 -19.24
CA THR A 12 -7.80 7.74 -20.22
C THR A 12 -7.31 7.24 -21.60
N GLY A 13 -7.03 5.94 -21.70
CA GLY A 13 -6.72 5.33 -22.98
C GLY A 13 -5.40 5.68 -23.63
N ASN A 14 -5.47 6.12 -24.88
CA ASN A 14 -4.32 6.40 -25.70
C ASN A 14 -4.18 7.90 -25.84
N ILE A 15 -3.11 8.44 -25.28
CA ILE A 15 -3.01 9.86 -25.13
C ILE A 15 -1.63 10.34 -25.52
N SER A 16 -1.57 11.52 -26.09
CA SER A 16 -0.30 12.11 -26.47
C SER A 16 -0.12 13.40 -25.68
N ALA A 17 1.13 13.71 -25.37
CA ALA A 17 1.51 14.97 -24.73
C ALA A 17 2.87 15.39 -25.27
N GLU A 18 3.22 16.66 -25.06
CA GLU A 18 4.46 17.23 -25.59
C GLU A 18 5.66 17.09 -24.63
N LYS A 19 6.83 16.80 -25.19
CA LYS A 19 8.07 16.79 -24.40
C LYS A 19 8.15 18.02 -23.50
N GLY A 20 8.53 17.79 -22.25
CA GLY A 20 8.63 18.86 -21.27
C GLY A 20 7.30 19.26 -20.65
N GLY A 21 6.22 18.75 -21.22
CA GLY A 21 4.88 18.97 -20.70
C GLY A 21 4.52 18.02 -19.57
N SER A 22 3.27 18.09 -19.15
CA SER A 22 2.77 17.24 -18.09
C SER A 22 1.61 16.37 -18.61
N ILE A 23 1.19 15.40 -17.80
CA ILE A 23 0.08 14.52 -18.18
C ILE A 23 -0.61 13.96 -16.93
N ILE A 24 -1.93 13.98 -16.95
CA ILE A 24 -2.70 13.36 -15.89
C ILE A 24 -3.05 11.94 -16.29
N LEU A 25 -2.51 11.00 -15.54
CA LEU A 25 -2.93 9.63 -15.65
C LEU A 25 -4.13 9.44 -14.74
N GLN A 26 -5.25 9.04 -15.33
CA GLN A 26 -6.45 8.90 -14.54
C GLN A 26 -7.12 7.56 -14.79
N CYS A 27 -7.67 7.01 -13.73
CA CYS A 27 -8.48 5.80 -13.81
C CYS A 27 -9.65 6.00 -12.89
N HIS A 28 -10.70 5.24 -13.16
CA HIS A 28 -11.89 5.27 -12.32
C HIS A 28 -12.53 3.90 -12.30
N LEU A 29 -12.59 3.33 -11.11
CA LEU A 29 -13.27 2.06 -10.86
C LEU A 29 -14.75 2.29 -10.64
N SER A 30 -15.60 1.44 -11.23
CA SER A 30 -17.05 1.56 -10.98
C SER A 30 -17.74 0.20 -10.99
N SER A 31 -19.06 0.19 -10.73
CA SER A 31 -19.85 -1.04 -10.73
C SER A 31 -19.41 -2.04 -9.64
N THR A 32 -18.95 -1.52 -8.50
CA THR A 32 -18.65 -2.34 -7.33
C THR A 32 -18.58 -1.49 -6.10
N THR A 33 -18.91 -2.10 -4.97
CA THR A 33 -18.96 -1.39 -3.69
C THR A 33 -17.80 -1.81 -2.79
N ALA A 34 -16.90 -2.63 -3.34
CA ALA A 34 -15.68 -3.05 -2.66
C ALA A 34 -14.86 -1.83 -2.27
N GLN A 35 -14.19 -1.91 -1.12
CA GLN A 35 -13.33 -0.83 -0.67
C GLN A 35 -11.97 -0.87 -1.36
N VAL A 36 -11.61 0.25 -1.97
CA VAL A 36 -10.28 0.43 -2.53
C VAL A 36 -9.29 0.68 -1.40
N THR A 37 -8.42 -0.28 -1.13
CA THR A 37 -7.48 -0.14 -0.02
C THR A 37 -6.20 0.61 -0.46
N GLN A 38 -5.80 0.43 -1.71
CA GLN A 38 -4.63 1.11 -2.22
C GLN A 38 -4.61 1.10 -3.74
N VAL A 39 -3.94 2.10 -4.31
CA VAL A 39 -3.78 2.25 -5.75
C VAL A 39 -2.29 2.41 -6.10
N ASN A 40 -1.80 1.55 -6.99
CA ASN A 40 -0.44 1.67 -7.46
C ASN A 40 -0.43 2.21 -8.86
N TRP A 41 0.49 3.13 -9.12
CA TRP A 41 0.68 3.64 -10.45
C TRP A 41 2.02 3.12 -10.92
N GLU A 42 2.04 2.61 -12.15
CA GLU A 42 3.21 1.91 -12.67
C GLU A 42 3.54 2.41 -14.04
N GLN A 43 4.82 2.67 -14.28
CA GLN A 43 5.32 2.89 -15.62
C GLN A 43 5.85 1.53 -16.08
N GLN A 44 5.09 0.84 -16.96
CA GLN A 44 5.38 -0.57 -17.25
C GLN A 44 5.43 -1.34 -15.93
N ASP A 45 6.58 -1.88 -15.52
CA ASP A 45 6.62 -2.70 -14.31
C ASP A 45 7.19 -1.90 -13.11
N GLN A 46 7.53 -0.65 -13.40
CA GLN A 46 8.23 0.23 -12.48
C GLN A 46 7.25 1.09 -11.64
N LEU A 47 7.22 0.87 -10.32
CA LEU A 47 6.31 1.63 -9.47
C LEU A 47 6.65 3.13 -9.50
N LEU A 48 5.62 3.96 -9.64
CA LEU A 48 5.77 5.42 -9.61
C LEU A 48 5.42 5.93 -8.23
N ALA A 49 4.23 5.58 -7.78
CA ALA A 49 3.71 6.04 -6.52
C ALA A 49 2.67 5.06 -6.06
N ILE A 50 2.43 5.01 -4.76
CA ILE A 50 1.23 4.39 -4.27
C ILE A 50 0.34 5.42 -3.59
N CYS A 51 -0.97 5.15 -3.59
CA CYS A 51 -1.90 5.92 -2.80
C CYS A 51 -2.67 4.96 -1.94
N ASN A 52 -2.24 4.84 -0.70
CA ASN A 52 -2.91 3.97 0.24
C ASN A 52 -4.04 4.73 0.91
N ALA A 53 -5.13 4.03 1.22
CA ALA A 53 -6.34 4.63 1.76
C ALA A 53 -6.14 5.23 3.16
N ASP A 54 -5.33 4.57 3.98
CA ASP A 54 -5.05 5.08 5.31
C ASP A 54 -3.84 6.01 5.37
N LEU A 55 -2.84 5.80 4.50
CA LEU A 55 -1.58 6.55 4.62
C LEU A 55 -1.31 7.50 3.47
N GLY A 56 -2.28 7.64 2.56
CA GLY A 56 -2.14 8.60 1.49
C GLY A 56 -1.02 8.32 0.51
N TRP A 57 -0.55 9.38 -0.15
CA TRP A 57 0.44 9.21 -1.22
C TRP A 57 1.86 8.92 -0.74
N HIS A 58 2.52 8.03 -1.47
CA HIS A 58 3.94 7.80 -1.29
C HIS A 58 4.62 7.54 -2.60
N ILE A 59 5.63 8.36 -2.90
CA ILE A 59 6.23 8.40 -4.23
C ILE A 59 7.59 7.70 -4.26
N SER A 60 7.87 7.01 -5.36
CA SER A 60 9.21 6.47 -5.59
C SER A 60 10.16 7.64 -5.65
N PRO A 61 11.17 7.61 -4.79
CA PRO A 61 12.26 8.59 -4.76
C PRO A 61 12.72 9.01 -6.16
N SER A 62 12.86 8.05 -7.07
CA SER A 62 13.38 8.30 -8.42
C SER A 62 12.49 9.19 -9.27
N PHE A 63 11.31 9.49 -8.77
CA PHE A 63 10.31 10.22 -9.53
C PHE A 63 9.72 11.33 -8.68
N LYS A 64 10.23 11.46 -7.45
CA LYS A 64 9.67 12.39 -6.49
C LYS A 64 9.59 13.84 -7.03
N ASP A 65 10.60 14.27 -7.77
CA ASP A 65 10.64 15.67 -8.22
C ASP A 65 9.68 15.99 -9.39
N ARG A 66 9.37 14.98 -10.19
CA ARG A 66 8.57 15.13 -11.40
C ARG A 66 7.21 14.42 -11.32
N VAL A 67 6.73 14.14 -10.11
CA VAL A 67 5.41 13.54 -9.91
C VAL A 67 4.60 14.37 -8.93
N ALA A 68 3.35 14.64 -9.27
CA ALA A 68 2.40 15.25 -8.35
C ALA A 68 1.18 14.34 -8.20
N PRO A 69 0.84 13.98 -6.95
CA PRO A 69 -0.35 13.16 -6.68
C PRO A 69 -1.63 13.80 -7.20
N GLY A 70 -2.54 12.98 -7.69
CA GLY A 70 -3.85 13.46 -8.10
C GLY A 70 -3.82 14.02 -9.52
N PRO A 71 -4.94 14.62 -9.93
CA PRO A 71 -6.11 14.76 -9.05
C PRO A 71 -6.71 13.43 -8.60
N GLY A 72 -7.21 13.39 -7.36
CA GLY A 72 -7.90 12.23 -6.85
C GLY A 72 -6.98 11.03 -6.83
N LEU A 73 -7.43 9.93 -7.41
CA LEU A 73 -6.62 8.73 -7.49
C LEU A 73 -5.77 8.73 -8.78
N GLY A 74 -5.80 9.85 -9.50
CA GLY A 74 -4.97 10.03 -10.68
C GLY A 74 -3.56 10.41 -10.25
N LEU A 75 -2.65 10.49 -11.22
CA LEU A 75 -1.27 10.89 -10.96
C LEU A 75 -0.86 11.83 -12.08
N THR A 76 -0.04 12.82 -11.76
CA THR A 76 0.45 13.73 -12.79
C THR A 76 1.94 13.59 -13.03
N LEU A 77 2.29 13.19 -14.25
CA LEU A 77 3.69 13.06 -14.61
C LEU A 77 4.15 14.36 -15.24
N GLN A 78 5.30 14.86 -14.78
CA GLN A 78 5.81 16.16 -15.19
C GLN A 78 7.17 16.04 -15.85
N SER A 79 7.55 17.05 -16.63
CA SER A 79 8.85 17.07 -17.32
C SER A 79 8.98 15.83 -18.17
N LEU A 80 7.94 15.54 -18.94
CA LEU A 80 7.93 14.36 -19.79
C LEU A 80 9.15 14.38 -20.70
N THR A 81 9.67 13.19 -20.95
CA THR A 81 10.69 13.00 -21.96
C THR A 81 10.23 11.91 -22.92
N VAL A 82 10.97 11.73 -24.01
CA VAL A 82 10.55 10.74 -24.97
C VAL A 82 10.58 9.34 -24.35
N ASN A 83 11.42 9.14 -23.33
CA ASN A 83 11.48 7.86 -22.61
C ASN A 83 10.26 7.55 -21.77
N ASP A 84 9.39 8.55 -21.61
CA ASP A 84 8.18 8.37 -20.83
C ASP A 84 7.09 7.79 -21.73
N THR A 85 7.39 7.66 -23.02
CA THR A 85 6.51 6.95 -23.93
C THR A 85 6.37 5.48 -23.49
N GLY A 86 5.13 4.99 -23.53
CA GLY A 86 4.88 3.60 -23.20
C GLY A 86 3.59 3.39 -22.44
N GLU A 87 3.51 2.26 -21.76
CA GLU A 87 2.26 1.94 -21.04
C GLU A 87 2.34 2.14 -19.53
N TYR A 88 1.23 2.60 -18.98
CA TYR A 88 1.10 2.81 -17.56
C TYR A 88 -0.06 2.01 -17.03
N PHE A 89 0.04 1.57 -15.78
CA PHE A 89 -1.06 0.82 -15.20
C PHE A 89 -1.50 1.46 -13.91
N CYS A 90 -2.81 1.41 -13.66
CA CYS A 90 -3.32 1.68 -12.35
C CYS A 90 -3.77 0.36 -11.75
N ILE A 91 -3.16 -0.05 -10.64
CA ILE A 91 -3.57 -1.27 -9.96
C ILE A 91 -4.41 -0.90 -8.72
N TYR A 92 -5.70 -1.21 -8.75
CA TYR A 92 -6.55 -1.09 -7.57
C TYR A 92 -6.56 -2.36 -6.73
N HIS A 93 -6.23 -2.23 -5.45
CA HIS A 93 -6.44 -3.29 -4.49
C HIS A 93 -7.78 -3.07 -3.82
N THR A 94 -8.68 -4.04 -3.97
CA THR A 94 -10.00 -3.90 -3.35
C THR A 94 -10.39 -5.09 -2.51
N TYR A 95 -11.17 -4.81 -1.48
CA TYR A 95 -11.74 -5.88 -0.67
C TYR A 95 -13.25 -5.81 -0.75
N PRO A 96 -13.90 -6.96 -1.03
CA PRO A 96 -13.28 -8.28 -1.20
C PRO A 96 -12.93 -8.70 -2.63
N ASP A 97 -13.28 -7.89 -3.64
CA ASP A 97 -13.13 -8.30 -5.05
C ASP A 97 -11.71 -8.69 -5.44
N GLY A 98 -10.72 -8.02 -4.87
CA GLY A 98 -9.34 -8.23 -5.29
C GLY A 98 -8.89 -7.15 -6.26
N THR A 99 -7.96 -7.52 -7.14
CA THR A 99 -7.26 -6.57 -7.97
C THR A 99 -7.96 -6.24 -9.28
N TYR A 100 -8.19 -4.96 -9.51
CA TYR A 100 -8.56 -4.42 -10.83
C TYR A 100 -7.36 -3.70 -11.43
N THR A 101 -7.10 -3.93 -12.72
CA THR A 101 -6.01 -3.23 -13.39
C THR A 101 -6.46 -2.46 -14.61
N GLY A 102 -5.95 -1.23 -14.72
CA GLY A 102 -6.20 -0.38 -15.87
C GLY A 102 -4.92 -0.15 -16.64
N ARG A 103 -5.04 0.21 -17.92
CA ARG A 103 -3.90 0.53 -18.76
C ARG A 103 -4.09 1.87 -19.46
N ILE A 104 -2.99 2.61 -19.60
CA ILE A 104 -3.01 3.87 -20.33
C ILE A 104 -1.79 3.81 -21.19
N PHE A 105 -1.90 4.23 -22.45
CA PHE A 105 -0.72 4.32 -23.31
C PHE A 105 -0.42 5.75 -23.70
N LEU A 106 0.81 6.15 -23.40
CA LEU A 106 1.23 7.53 -23.59
C LEU A 106 2.28 7.61 -24.67
N GLU A 107 2.07 8.58 -25.57
CA GLU A 107 3.04 8.97 -26.58
C GLU A 107 3.54 10.38 -26.26
N VAL A 108 4.84 10.54 -26.07
CA VAL A 108 5.42 11.85 -25.85
C VAL A 108 6.05 12.37 -27.14
N LEU A 109 5.36 13.30 -27.79
CA LEU A 109 5.82 13.90 -29.04
C LEU A 109 6.91 14.97 -28.83
N GLU A 110 7.86 15.04 -29.76
CA GLU A 110 9.00 15.93 -29.63
C GLU A 110 8.84 17.31 -30.30
N MET B 5 0.44 -26.79 -2.23
CA MET B 5 0.19 -26.09 -3.50
C MET B 5 0.07 -24.58 -3.35
N THR B 6 -0.47 -24.16 -2.21
CA THR B 6 -0.57 -22.74 -1.89
C THR B 6 0.37 -22.49 -0.72
N GLY B 7 0.83 -21.25 -0.59
CA GLY B 7 1.58 -20.84 0.57
C GLY B 7 0.73 -20.86 1.82
N THR B 8 1.40 -20.72 2.94
CA THR B 8 0.69 -20.69 4.20
C THR B 8 1.32 -19.63 5.10
N ILE B 9 0.47 -18.94 5.87
CA ILE B 9 0.92 -17.86 6.75
C ILE B 9 0.95 -18.33 8.20
N GLU B 10 2.10 -18.19 8.85
CA GLU B 10 2.17 -18.46 10.27
C GLU B 10 2.37 -17.19 11.08
N THR B 11 1.76 -17.16 12.26
CA THR B 11 1.79 -15.97 13.10
C THR B 11 2.42 -16.28 14.45
N THR B 12 2.35 -15.30 15.35
CA THR B 12 2.79 -15.48 16.73
C THR B 12 1.62 -15.88 17.64
N GLY B 13 0.43 -16.02 17.05
CA GLY B 13 -0.77 -16.44 17.77
C GLY B 13 -1.27 -15.49 18.84
N ASN B 14 -2.36 -15.88 19.52
CA ASN B 14 -2.95 -15.07 20.59
C ASN B 14 -2.00 -14.72 21.75
N ILE B 15 -1.83 -13.42 22.00
CA ILE B 15 -0.82 -12.94 22.92
C ILE B 15 -1.37 -12.07 24.07
N SER B 16 -0.74 -12.16 25.23
CA SER B 16 -1.11 -11.38 26.41
C SER B 16 0.05 -10.49 26.77
N ALA B 17 -0.25 -9.26 27.17
CA ALA B 17 0.76 -8.37 27.70
C ALA B 17 0.10 -7.43 28.67
N GLU B 18 0.89 -6.66 29.39
CA GLU B 18 0.35 -5.70 30.34
C GLU B 18 0.44 -4.30 29.77
N LYS B 19 -0.53 -3.43 30.09
CA LYS B 19 -0.40 -2.00 29.85
C LYS B 19 1.05 -1.54 30.06
N GLY B 20 1.57 -0.79 29.09
CA GLY B 20 2.92 -0.25 29.20
C GLY B 20 3.99 -1.11 28.56
N GLY B 21 3.64 -2.34 28.20
CA GLY B 21 4.60 -3.27 27.64
C GLY B 21 4.85 -3.16 26.15
N SER B 22 5.88 -3.83 25.66
CA SER B 22 6.15 -3.97 24.23
C SER B 22 5.79 -5.38 23.71
N ILE B 23 5.39 -5.45 22.45
CA ILE B 23 5.11 -6.73 21.82
C ILE B 23 5.60 -6.76 20.37
N ILE B 24 6.25 -7.86 19.98
CA ILE B 24 6.54 -8.09 18.57
C ILE B 24 5.39 -8.84 17.93
N LEU B 25 4.88 -8.30 16.83
CA LEU B 25 3.91 -8.99 15.99
C LEU B 25 4.65 -9.53 14.79
N GLN B 26 4.52 -10.81 14.54
CA GLN B 26 5.30 -11.38 13.46
C GLN B 26 4.51 -12.39 12.63
N CYS B 27 4.78 -12.40 11.33
CA CYS B 27 4.17 -13.35 10.43
C CYS B 27 5.26 -13.93 9.56
N HIS B 28 4.97 -15.10 9.02
CA HIS B 28 5.84 -15.67 8.03
C HIS B 28 5.02 -16.35 6.95
N LEU B 29 5.34 -15.99 5.70
CA LEU B 29 4.73 -16.64 4.55
C LEU B 29 5.67 -17.74 4.08
N SER B 30 5.24 -18.98 4.26
CA SER B 30 6.11 -20.10 3.96
C SER B 30 5.60 -20.92 2.79
N SER B 31 6.34 -21.99 2.49
CA SER B 31 6.02 -22.97 1.44
C SER B 31 5.43 -22.35 0.17
N THR B 32 5.86 -21.12 -0.14
CA THR B 32 5.62 -20.56 -1.45
C THR B 32 6.81 -19.76 -1.88
N THR B 33 6.97 -19.67 -3.20
CA THR B 33 8.02 -18.87 -3.83
C THR B 33 7.51 -17.49 -4.30
N ALA B 34 6.25 -17.20 -4.00
CA ALA B 34 5.67 -15.88 -4.28
C ALA B 34 6.62 -14.74 -3.89
N GLN B 35 6.66 -13.70 -4.73
CA GLN B 35 7.39 -12.47 -4.39
C GLN B 35 6.46 -11.54 -3.65
N VAL B 36 6.86 -11.18 -2.44
CA VAL B 36 6.10 -10.27 -1.59
C VAL B 36 6.31 -8.83 -2.00
N THR B 37 5.23 -8.17 -2.41
CA THR B 37 5.31 -6.79 -2.89
C THR B 37 5.03 -5.80 -1.76
N GLN B 38 4.22 -6.22 -0.80
CA GLN B 38 3.88 -5.36 0.32
C GLN B 38 3.18 -6.12 1.42
N VAL B 39 3.56 -5.82 2.65
CA VAL B 39 2.92 -6.35 3.82
C VAL B 39 2.20 -5.20 4.54
N ASN B 40 0.94 -5.41 4.88
CA ASN B 40 0.20 -4.45 5.70
C ASN B 40 -0.04 -4.96 7.11
N TRP B 41 0.18 -4.10 8.09
CA TRP B 41 -0.22 -4.44 9.45
C TRP B 41 -1.44 -3.63 9.85
N GLU B 42 -2.51 -4.33 10.22
CA GLU B 42 -3.75 -3.64 10.54
C GLU B 42 -4.28 -4.04 11.89
N GLN B 43 -4.70 -3.03 12.66
CA GLN B 43 -5.34 -3.25 13.94
C GLN B 43 -6.81 -3.21 13.60
N GLN B 44 -7.35 -4.38 13.28
CA GLN B 44 -8.71 -4.49 12.77
C GLN B 44 -8.80 -3.71 11.47
N ASP B 45 -9.84 -2.90 11.30
CA ASP B 45 -9.95 -2.15 10.05
C ASP B 45 -9.07 -0.89 9.94
N GLN B 46 -8.24 -0.64 10.95
CA GLN B 46 -7.37 0.53 10.97
C GLN B 46 -5.91 0.17 10.74
N LEU B 47 -5.29 0.81 9.77
CA LEU B 47 -3.95 0.45 9.35
C LEU B 47 -2.86 1.04 10.26
N LEU B 48 -1.93 0.18 10.67
CA LEU B 48 -0.79 0.61 11.46
C LEU B 48 0.40 0.97 10.58
N ALA B 49 0.69 0.12 9.60
CA ALA B 49 1.93 0.27 8.84
C ALA B 49 1.95 -0.63 7.59
N ILE B 50 2.72 -0.21 6.60
CA ILE B 50 3.00 -1.08 5.46
C ILE B 50 4.50 -1.13 5.23
N CYS B 51 4.97 -2.28 4.78
CA CYS B 51 6.30 -2.40 4.26
C CYS B 51 6.13 -2.78 2.79
N ASN B 52 6.58 -1.89 1.91
CA ASN B 52 6.43 -2.04 0.49
C ASN B 52 7.79 -2.38 -0.11
N ALA B 53 7.83 -3.33 -1.04
CA ALA B 53 9.11 -3.83 -1.56
C ALA B 53 9.97 -2.74 -2.23
N ASP B 54 9.33 -1.72 -2.80
CA ASP B 54 10.06 -0.60 -3.39
C ASP B 54 10.22 0.57 -2.43
N LEU B 55 9.13 0.95 -1.75
CA LEU B 55 9.08 2.15 -0.93
C LEU B 55 9.48 1.96 0.55
N GLY B 56 9.71 0.71 0.96
CA GLY B 56 10.12 0.41 2.34
C GLY B 56 9.02 0.64 3.37
N TRP B 57 9.42 0.91 4.60
CA TRP B 57 8.45 1.08 5.68
C TRP B 57 7.76 2.46 5.69
N HIS B 58 6.46 2.46 5.98
CA HIS B 58 5.71 3.70 6.21
C HIS B 58 4.65 3.48 7.28
N ILE B 59 4.78 4.21 8.38
CA ILE B 59 3.93 4.00 9.53
C ILE B 59 2.86 5.07 9.59
N SER B 60 1.69 4.68 10.08
CA SER B 60 0.60 5.61 10.29
C SER B 60 1.06 6.60 11.34
N PRO B 61 0.77 7.89 11.13
CA PRO B 61 1.26 8.93 12.04
C PRO B 61 0.62 8.81 13.43
N SER B 62 -0.55 8.20 13.52
CA SER B 62 -1.25 8.02 14.78
C SER B 62 -0.51 7.04 15.68
N PHE B 63 0.45 6.32 15.10
CA PHE B 63 1.18 5.28 15.83
C PHE B 63 2.67 5.52 15.76
N LYS B 64 3.08 6.51 14.98
CA LYS B 64 4.49 6.79 14.74
C LYS B 64 5.40 6.57 15.94
N ASP B 65 4.98 7.11 17.08
CA ASP B 65 5.85 7.21 18.24
C ASP B 65 5.87 5.95 19.11
N ARG B 66 5.03 4.98 18.76
CA ARG B 66 4.96 3.74 19.52
C ARG B 66 5.08 2.43 18.72
N VAL B 67 5.20 2.51 17.40
CA VAL B 67 5.51 1.32 16.62
C VAL B 67 6.88 1.41 15.94
N ALA B 68 7.71 0.41 16.18
CA ALA B 68 8.99 0.28 15.51
C ALA B 68 8.95 -0.85 14.47
N PRO B 69 9.38 -0.56 13.23
CA PRO B 69 9.38 -1.59 12.18
C PRO B 69 10.29 -2.74 12.56
N GLY B 70 9.94 -3.95 12.11
CA GLY B 70 10.74 -5.11 12.41
C GLY B 70 10.46 -5.75 13.76
N PRO B 71 11.15 -6.87 14.06
CA PRO B 71 12.19 -7.43 13.19
C PRO B 71 11.66 -7.97 11.86
N GLY B 72 12.44 -7.84 10.79
CA GLY B 72 12.03 -8.33 9.49
C GLY B 72 10.72 -7.70 9.03
N LEU B 73 9.77 -8.55 8.63
CA LEU B 73 8.46 -8.09 8.16
C LEU B 73 7.47 -7.94 9.30
N GLY B 74 7.98 -8.00 10.52
CA GLY B 74 7.13 -7.86 11.67
C GLY B 74 7.06 -6.43 12.17
N LEU B 75 6.36 -6.26 13.28
CA LEU B 75 6.12 -4.94 13.81
C LEU B 75 6.27 -5.00 15.32
N THR B 76 7.07 -4.11 15.88
CA THR B 76 7.15 -4.00 17.35
C THR B 76 6.25 -2.88 17.89
N LEU B 77 5.34 -3.23 18.79
CA LEU B 77 4.36 -2.28 19.32
C LEU B 77 4.73 -1.93 20.76
N GLN B 78 4.82 -0.64 21.07
CA GLN B 78 5.33 -0.18 22.37
C GLN B 78 4.30 0.63 23.15
N SER B 79 4.56 0.79 24.43
CA SER B 79 3.67 1.55 25.31
C SER B 79 2.22 1.09 25.15
N LEU B 80 2.02 -0.23 25.23
CA LEU B 80 0.68 -0.81 25.06
C LEU B 80 -0.37 -0.20 25.98
N THR B 81 -1.60 -0.16 25.48
CA THR B 81 -2.74 0.29 26.26
C THR B 81 -3.88 -0.67 26.08
N VAL B 82 -4.90 -0.50 26.90
CA VAL B 82 -6.13 -1.28 26.82
C VAL B 82 -6.80 -1.16 25.44
N ASN B 83 -6.64 0.00 24.82
CA ASN B 83 -7.26 0.24 23.52
C ASN B 83 -6.56 -0.55 22.41
N ASP B 84 -5.48 -1.23 22.79
CA ASP B 84 -4.72 -2.04 21.84
C ASP B 84 -5.23 -3.47 21.79
N THR B 85 -6.02 -3.86 22.78
CA THR B 85 -6.74 -5.13 22.75
C THR B 85 -7.58 -5.23 21.51
N GLY B 86 -7.43 -6.33 20.77
CA GLY B 86 -8.18 -6.54 19.55
C GLY B 86 -7.50 -7.51 18.60
N GLU B 87 -8.10 -7.70 17.43
CA GLU B 87 -7.47 -8.55 16.43
C GLU B 87 -6.60 -7.74 15.48
N TYR B 88 -5.52 -8.35 15.01
CA TYR B 88 -4.56 -7.70 14.13
C TYR B 88 -4.33 -8.59 12.93
N PHE B 89 -4.02 -7.99 11.79
CA PHE B 89 -3.83 -8.76 10.58
C PHE B 89 -2.53 -8.42 9.91
N CYS B 90 -1.86 -9.46 9.42
CA CYS B 90 -0.76 -9.25 8.52
C CYS B 90 -1.28 -9.69 7.15
N ILE B 91 -1.32 -8.74 6.23
CA ILE B 91 -1.79 -8.98 4.88
C ILE B 91 -0.62 -8.92 3.92
N TYR B 92 -0.31 -10.05 3.31
CA TYR B 92 0.74 -10.10 2.31
C TYR B 92 0.14 -9.90 0.92
N HIS B 93 0.66 -8.94 0.16
CA HIS B 93 0.38 -8.86 -1.26
C HIS B 93 1.56 -9.48 -2.00
N THR B 94 1.27 -10.51 -2.82
CA THR B 94 2.34 -11.24 -3.48
C THR B 94 2.07 -11.46 -4.96
N TYR B 95 3.14 -11.80 -5.66
CA TYR B 95 3.07 -12.16 -7.06
C TYR B 95 3.81 -13.47 -7.23
N PRO B 96 3.14 -14.47 -7.83
CA PRO B 96 1.86 -14.38 -8.53
C PRO B 96 0.66 -14.86 -7.72
N ASP B 97 0.83 -15.15 -6.42
CA ASP B 97 -0.20 -15.85 -5.67
C ASP B 97 -1.37 -14.94 -5.25
N GLY B 98 -1.10 -13.65 -5.19
CA GLY B 98 -2.08 -12.75 -4.62
C GLY B 98 -1.99 -12.66 -3.11
N THR B 99 -3.15 -12.51 -2.49
CA THR B 99 -3.23 -12.15 -1.09
C THR B 99 -3.13 -13.29 -0.06
N TYR B 100 -2.40 -13.05 1.00
CA TYR B 100 -2.37 -13.95 2.15
C TYR B 100 -2.63 -13.14 3.41
N THR B 101 -3.50 -13.64 4.29
CA THR B 101 -3.77 -12.98 5.57
C THR B 101 -3.55 -13.90 6.78
N GLY B 102 -2.73 -13.44 7.72
CA GLY B 102 -2.65 -14.04 9.04
C GLY B 102 -3.35 -13.16 10.08
N ARG B 103 -3.74 -13.76 11.20
CA ARG B 103 -4.46 -13.07 12.26
C ARG B 103 -3.73 -13.27 13.59
N ILE B 104 -3.66 -12.20 14.37
CA ILE B 104 -3.10 -12.27 15.70
C ILE B 104 -4.08 -11.63 16.68
N PHE B 105 -4.50 -12.35 17.71
CA PHE B 105 -5.30 -11.68 18.71
C PHE B 105 -4.51 -11.26 19.94
N LEU B 106 -4.67 -10.00 20.32
CA LEU B 106 -3.95 -9.40 21.44
C LEU B 106 -4.89 -8.92 22.54
N GLU B 107 -4.65 -9.36 23.77
CA GLU B 107 -5.30 -8.73 24.91
C GLU B 107 -4.27 -8.01 25.79
N VAL B 108 -4.59 -6.78 26.17
CA VAL B 108 -3.76 -6.02 27.08
C VAL B 108 -4.38 -6.04 28.46
N LEU B 109 -3.64 -6.57 29.43
CA LEU B 109 -4.13 -6.64 30.80
C LEU B 109 -3.86 -5.36 31.60
N GLU B 110 -4.51 -5.29 32.76
CA GLU B 110 -4.41 -4.17 33.70
C GLU B 110 -2.96 -3.95 34.16
N HIS C 3 0.06 36.83 -18.87
CA HIS C 3 1.49 36.96 -18.62
C HIS C 3 1.79 37.19 -17.15
N HIS C 4 2.86 36.54 -16.67
CA HIS C 4 3.15 36.39 -15.24
C HIS C 4 1.95 35.89 -14.48
N MET C 5 1.00 35.33 -15.21
CA MET C 5 -0.14 34.70 -14.58
C MET C 5 0.36 33.41 -13.96
N THR C 6 -0.06 33.14 -12.74
CA THR C 6 0.61 32.12 -11.94
C THR C 6 0.15 30.66 -12.18
N GLY C 7 -1.14 30.48 -12.49
CA GLY C 7 -1.73 29.16 -12.60
C GLY C 7 -1.41 28.35 -13.86
N THR C 8 -1.40 27.02 -13.70
CA THR C 8 -1.17 26.08 -14.79
C THR C 8 -2.27 25.02 -14.88
N ILE C 9 -2.65 24.70 -16.11
CA ILE C 9 -3.63 23.67 -16.35
C ILE C 9 -2.91 22.47 -16.92
N GLU C 10 -3.10 21.31 -16.28
CA GLU C 10 -2.65 20.05 -16.84
C GLU C 10 -3.88 19.27 -17.33
N THR C 11 -3.72 18.52 -18.40
CA THR C 11 -4.82 17.72 -18.92
C THR C 11 -4.48 16.24 -18.97
N THR C 12 -5.51 15.45 -19.25
CA THR C 12 -5.38 14.01 -19.45
C THR C 12 -4.83 13.69 -20.86
N GLY C 13 -4.62 14.72 -21.68
CA GLY C 13 -3.88 14.59 -22.92
C GLY C 13 -4.69 14.49 -24.21
N ASN C 14 -4.01 14.39 -25.34
CA ASN C 14 -4.73 14.29 -26.59
C ASN C 14 -5.05 12.84 -26.94
N ILE C 15 -6.33 12.55 -27.09
CA ILE C 15 -6.81 11.18 -27.13
C ILE C 15 -7.05 10.67 -28.53
N SER C 16 -6.59 9.43 -28.76
CA SER C 16 -7.00 8.64 -29.90
C SER C 16 -7.92 7.52 -29.40
N ALA C 17 -9.12 7.43 -29.99
CA ALA C 17 -10.05 6.39 -29.61
C ALA C 17 -10.84 5.88 -30.82
N GLU C 18 -11.57 4.78 -30.63
CA GLU C 18 -12.37 4.17 -31.68
C GLU C 18 -13.86 4.39 -31.43
N LYS C 19 -14.68 4.34 -32.49
CA LYS C 19 -16.14 4.41 -32.35
C LYS C 19 -16.70 3.50 -31.26
N GLY C 20 -17.68 4.00 -30.54
CA GLY C 20 -18.40 3.21 -29.56
C GLY C 20 -17.75 3.26 -28.20
N GLY C 21 -16.52 3.77 -28.15
CA GLY C 21 -15.72 3.73 -26.95
C GLY C 21 -16.09 4.75 -25.87
N SER C 22 -15.33 4.70 -24.78
CA SER C 22 -15.53 5.62 -23.67
C SER C 22 -14.20 6.27 -23.29
N ILE C 23 -14.26 7.55 -22.92
CA ILE C 23 -13.06 8.24 -22.49
C ILE C 23 -13.30 9.11 -21.29
N ILE C 24 -12.23 9.27 -20.50
CA ILE C 24 -12.20 10.21 -19.40
C ILE C 24 -11.47 11.46 -19.89
N LEU C 25 -12.12 12.61 -19.80
CA LEU C 25 -11.49 13.91 -20.01
C LEU C 25 -11.30 14.54 -18.66
N GLN C 26 -10.12 15.05 -18.36
CA GLN C 26 -9.98 15.76 -17.09
C GLN C 26 -8.87 16.79 -17.09
N CYS C 27 -9.07 17.86 -16.32
CA CYS C 27 -8.07 18.90 -16.15
C CYS C 27 -7.76 19.14 -14.70
N HIS C 28 -6.63 19.80 -14.45
CA HIS C 28 -6.28 20.22 -13.10
C HIS C 28 -5.58 21.57 -13.10
N LEU C 29 -5.99 22.43 -12.18
CA LEU C 29 -5.40 23.77 -12.05
C LEU C 29 -4.48 23.81 -10.84
N SER C 30 -3.21 24.07 -11.09
CA SER C 30 -2.24 24.21 -10.00
C SER C 30 -1.49 25.58 -10.02
N SER C 31 -0.63 25.81 -9.04
CA SER C 31 0.22 27.01 -8.94
C SER C 31 -0.53 28.36 -8.85
N THR C 32 -1.63 28.38 -8.10
CA THR C 32 -2.33 29.63 -7.89
C THR C 32 -3.24 29.48 -6.70
N THR C 33 -3.33 30.57 -5.94
CA THR C 33 -4.18 30.60 -4.76
C THR C 33 -5.63 30.89 -5.10
N ALA C 34 -5.90 31.30 -6.34
CA ALA C 34 -7.24 31.76 -6.70
C ALA C 34 -8.28 30.69 -6.35
N GLN C 35 -9.47 31.16 -6.00
CA GLN C 35 -10.60 30.27 -5.77
C GLN C 35 -11.26 29.91 -7.10
N VAL C 36 -11.47 28.62 -7.32
CA VAL C 36 -12.16 28.15 -8.50
C VAL C 36 -13.66 28.10 -8.15
N THR C 37 -14.48 28.85 -8.89
CA THR C 37 -15.93 28.81 -8.63
C THR C 37 -16.69 27.91 -9.60
N GLN C 38 -16.08 27.63 -10.74
CA GLN C 38 -16.78 26.86 -11.76
C GLN C 38 -15.86 26.42 -12.90
N VAL C 39 -16.09 25.21 -13.41
CA VAL C 39 -15.43 24.75 -14.62
C VAL C 39 -16.48 24.52 -15.71
N ASN C 40 -16.20 25.06 -16.89
CA ASN C 40 -17.01 24.84 -18.07
C ASN C 40 -16.31 23.81 -18.96
N TRP C 41 -17.02 22.77 -19.37
CA TRP C 41 -16.51 21.86 -20.39
C TRP C 41 -17.26 22.15 -21.65
N GLU C 42 -16.52 22.40 -22.73
CA GLU C 42 -17.20 22.68 -23.97
C GLU C 42 -16.44 22.23 -25.19
N GLN C 43 -17.18 21.64 -26.13
CA GLN C 43 -16.64 21.32 -27.45
C GLN C 43 -16.30 22.60 -28.18
N GLN C 44 -15.88 22.45 -29.42
CA GLN C 44 -15.23 23.54 -30.17
C GLN C 44 -15.81 24.93 -29.86
N ASP C 45 -17.11 25.00 -29.58
CA ASP C 45 -17.73 26.22 -29.07
C ASP C 45 -19.10 25.92 -28.43
N GLN C 46 -19.48 24.65 -28.39
CA GLN C 46 -20.73 24.22 -27.75
C GLN C 46 -20.52 23.76 -26.31
N LEU C 47 -21.44 24.11 -25.40
CA LEU C 47 -21.34 23.75 -23.97
C LEU C 47 -21.74 22.29 -23.66
N LEU C 48 -20.83 21.53 -23.07
CA LEU C 48 -21.10 20.15 -22.70
C LEU C 48 -21.60 20.03 -21.27
N ALA C 49 -20.97 20.74 -20.36
CA ALA C 49 -21.27 20.57 -18.95
C ALA C 49 -20.69 21.72 -18.13
N ILE C 50 -21.22 21.91 -16.95
CA ILE C 50 -20.69 22.92 -16.06
C ILE C 50 -20.71 22.33 -14.67
N CYS C 51 -19.59 22.44 -13.96
CA CYS C 51 -19.54 22.13 -12.55
C CYS C 51 -19.39 23.42 -11.78
N ASN C 52 -20.49 23.88 -11.20
CA ASN C 52 -20.48 25.06 -10.35
C ASN C 52 -20.29 24.67 -8.89
N ALA C 53 -19.52 25.46 -8.16
CA ALA C 53 -19.08 25.07 -6.83
C ALA C 53 -20.20 25.19 -5.77
N ASP C 54 -21.25 25.95 -6.10
CA ASP C 54 -22.44 26.05 -5.28
C ASP C 54 -23.51 25.10 -5.80
N LEU C 55 -23.78 25.23 -7.08
CA LEU C 55 -24.91 24.55 -7.71
C LEU C 55 -24.65 23.11 -8.17
N GLY C 56 -23.38 22.66 -8.10
CA GLY C 56 -23.00 21.33 -8.56
C GLY C 56 -22.94 21.18 -10.08
N TRP C 57 -23.15 19.94 -10.57
CA TRP C 57 -23.05 19.65 -12.00
C TRP C 57 -24.34 19.94 -12.76
N HIS C 58 -24.20 20.23 -14.05
CA HIS C 58 -25.33 20.32 -14.97
C HIS C 58 -24.80 19.96 -16.34
N ILE C 59 -25.28 18.84 -16.85
CA ILE C 59 -24.87 18.38 -18.16
C ILE C 59 -25.79 19.00 -19.19
N SER C 60 -25.21 19.44 -20.31
CA SER C 60 -26.01 19.93 -21.43
C SER C 60 -27.03 18.84 -21.76
N PRO C 61 -28.27 19.25 -22.09
CA PRO C 61 -29.34 18.30 -22.41
C PRO C 61 -29.01 17.41 -23.60
N SER C 62 -28.38 17.95 -24.63
CA SER C 62 -28.07 17.18 -25.82
C SER C 62 -26.91 16.20 -25.60
N PHE C 63 -26.52 16.05 -24.34
CA PHE C 63 -25.44 15.16 -23.95
C PHE C 63 -25.77 14.29 -22.73
N LYS C 64 -26.78 14.62 -21.94
CA LYS C 64 -26.98 13.93 -20.67
C LYS C 64 -26.83 12.40 -20.78
N ASP C 65 -27.23 11.87 -21.93
CA ASP C 65 -27.20 10.42 -22.17
C ASP C 65 -25.78 9.87 -22.30
N ARG C 66 -24.87 10.65 -22.89
CA ARG C 66 -23.52 10.18 -23.19
C ARG C 66 -22.44 10.71 -22.25
N VAL C 67 -22.78 11.73 -21.48
CA VAL C 67 -21.81 12.38 -20.62
C VAL C 67 -22.17 12.16 -19.16
N ALA C 68 -21.16 11.76 -18.40
CA ALA C 68 -21.32 11.59 -16.95
C ALA C 68 -20.30 12.45 -16.20
N PRO C 69 -20.72 13.06 -15.09
CA PRO C 69 -19.87 13.90 -14.22
C PRO C 69 -18.70 13.11 -13.61
N GLY C 70 -17.54 13.74 -13.49
CA GLY C 70 -16.39 13.08 -12.91
C GLY C 70 -15.61 12.28 -13.92
N PRO C 71 -14.49 11.70 -13.49
CA PRO C 71 -14.04 11.89 -12.09
C PRO C 71 -13.58 13.32 -11.84
N GLY C 72 -13.61 13.74 -10.58
CA GLY C 72 -13.19 15.07 -10.20
C GLY C 72 -13.95 16.13 -10.99
N LEU C 73 -13.24 17.13 -11.48
CA LEU C 73 -13.89 18.15 -12.27
C LEU C 73 -13.84 17.80 -13.76
N GLY C 74 -13.69 16.51 -14.03
CA GLY C 74 -13.65 16.03 -15.40
C GLY C 74 -14.99 15.49 -15.83
N LEU C 75 -15.00 14.83 -16.99
CA LEU C 75 -16.17 14.18 -17.56
C LEU C 75 -15.78 12.81 -18.03
N THR C 76 -16.77 11.93 -18.11
CA THR C 76 -16.62 10.65 -18.81
C THR C 76 -17.58 10.66 -19.99
N LEU C 77 -17.02 10.56 -21.19
CA LEU C 77 -17.79 10.67 -22.42
C LEU C 77 -17.99 9.28 -23.04
N GLN C 78 -19.25 8.93 -23.28
CA GLN C 78 -19.62 7.56 -23.64
C GLN C 78 -20.10 7.44 -25.08
N SER C 79 -19.84 6.30 -25.73
CA SER C 79 -20.38 6.01 -27.06
C SER C 79 -19.91 6.98 -28.14
N LEU C 80 -18.61 6.98 -28.39
CA LEU C 80 -18.00 7.93 -29.33
C LEU C 80 -18.43 7.69 -30.77
N THR C 81 -18.89 8.75 -31.42
CA THR C 81 -19.07 8.75 -32.87
C THR C 81 -17.89 9.50 -33.48
N VAL C 82 -17.72 9.39 -34.79
CA VAL C 82 -16.64 10.09 -35.45
C VAL C 82 -16.89 11.59 -35.39
N ASN C 83 -18.15 11.97 -35.14
CA ASN C 83 -18.48 13.39 -35.03
C ASN C 83 -18.01 14.04 -33.74
N ASP C 84 -17.53 13.22 -32.81
CA ASP C 84 -16.97 13.76 -31.57
C ASP C 84 -15.53 14.20 -31.76
N THR C 85 -14.92 13.83 -32.88
CA THR C 85 -13.58 14.33 -33.19
C THR C 85 -13.60 15.86 -33.06
N GLY C 86 -12.49 16.42 -32.60
CA GLY C 86 -12.41 17.86 -32.38
C GLY C 86 -11.77 18.32 -31.08
N GLU C 87 -11.83 19.64 -30.84
CA GLU C 87 -11.20 20.24 -29.67
C GLU C 87 -12.16 20.27 -28.50
N TYR C 88 -11.65 19.93 -27.32
CA TYR C 88 -12.42 20.05 -26.10
C TYR C 88 -11.71 21.01 -25.14
N PHE C 89 -12.48 21.75 -24.33
CA PHE C 89 -11.91 22.76 -23.46
C PHE C 89 -12.40 22.63 -22.03
N CYS C 90 -11.46 22.72 -21.09
CA CYS C 90 -11.81 22.92 -19.68
C CYS C 90 -11.48 24.37 -19.30
N ILE C 91 -12.54 25.15 -19.10
CA ILE C 91 -12.40 26.55 -18.77
C ILE C 91 -12.63 26.76 -17.29
N TYR C 92 -11.56 27.16 -16.60
CA TYR C 92 -11.67 27.38 -15.16
C TYR C 92 -12.03 28.85 -14.87
N HIS C 93 -13.04 29.05 -14.04
CA HIS C 93 -13.44 30.41 -13.64
C HIS C 93 -13.03 30.67 -12.21
N THR C 94 -12.06 31.57 -12.05
CA THR C 94 -11.46 31.78 -10.73
C THR C 94 -11.43 33.23 -10.32
N TYR C 95 -11.20 33.46 -9.04
CA TYR C 95 -10.97 34.82 -8.54
C TYR C 95 -9.81 34.84 -7.53
N PRO C 96 -8.87 35.76 -7.71
CA PRO C 96 -9.00 36.93 -8.60
C PRO C 96 -8.50 36.73 -10.03
N ASP C 97 -7.72 35.68 -10.29
CA ASP C 97 -7.03 35.47 -11.56
C ASP C 97 -7.92 35.50 -12.82
N GLY C 98 -9.19 35.15 -12.66
CA GLY C 98 -10.05 35.05 -13.81
C GLY C 98 -9.94 33.68 -14.47
N THR C 99 -9.81 33.69 -15.79
CA THR C 99 -9.98 32.50 -16.58
C THR C 99 -8.66 31.72 -16.76
N TYR C 100 -8.75 30.40 -16.68
CA TYR C 100 -7.64 29.51 -17.07
C TYR C 100 -8.21 28.42 -17.95
N THR C 101 -7.53 28.12 -19.05
CA THR C 101 -8.10 27.25 -20.06
C THR C 101 -7.20 26.06 -20.48
N GLY C 102 -7.77 24.85 -20.40
CA GLY C 102 -7.09 23.67 -20.91
C GLY C 102 -7.69 23.12 -22.21
N ARG C 103 -6.82 22.70 -23.12
CA ARG C 103 -7.26 22.13 -24.39
C ARG C 103 -6.91 20.63 -24.51
N ILE C 104 -7.90 19.85 -24.93
CA ILE C 104 -7.73 18.42 -25.24
C ILE C 104 -8.24 18.13 -26.65
N PHE C 105 -7.36 17.67 -27.53
CA PHE C 105 -7.86 17.21 -28.83
C PHE C 105 -8.23 15.72 -28.85
N LEU C 106 -9.48 15.45 -29.20
CA LEU C 106 -9.98 14.09 -29.30
C LEU C 106 -10.11 13.63 -30.75
N GLU C 107 -9.33 12.61 -31.10
CA GLU C 107 -9.46 11.98 -32.41
C GLU C 107 -10.19 10.64 -32.35
N VAL C 108 -11.29 10.51 -33.07
CA VAL C 108 -12.09 9.28 -33.08
C VAL C 108 -11.98 8.54 -34.41
N LEU C 109 -11.27 7.41 -34.39
CA LEU C 109 -11.03 6.60 -35.58
C LEU C 109 -12.20 5.68 -35.95
N GLU C 110 -12.25 5.32 -37.23
CA GLU C 110 -13.08 4.25 -37.76
C GLU C 110 -13.30 3.14 -36.74
N MET D 5 24.30 -3.87 30.18
CA MET D 5 24.10 -2.44 30.48
C MET D 5 22.92 -1.85 29.69
N THR D 6 23.21 -1.07 28.64
CA THR D 6 22.17 -0.43 27.83
C THR D 6 21.74 -1.35 26.71
N GLY D 7 20.59 -1.98 26.87
CA GLY D 7 20.12 -2.95 25.91
C GLY D 7 18.90 -3.64 26.47
N THR D 8 17.85 -3.67 25.65
CA THR D 8 16.59 -4.32 26.03
C THR D 8 16.18 -5.31 24.96
N ILE D 9 15.39 -6.30 25.36
CA ILE D 9 14.89 -7.31 24.45
C ILE D 9 13.37 -7.18 24.35
N GLU D 10 12.84 -7.28 23.14
CA GLU D 10 11.39 -7.44 22.97
C GLU D 10 11.09 -8.90 22.67
N THR D 11 9.96 -9.38 23.14
CA THR D 11 9.52 -10.74 22.82
C THR D 11 8.16 -10.70 22.13
N THR D 12 7.74 -11.84 21.61
CA THR D 12 6.40 -11.97 21.05
C THR D 12 5.36 -12.03 22.17
N GLY D 13 5.83 -12.04 23.41
CA GLY D 13 4.96 -11.99 24.58
C GLY D 13 4.56 -13.33 25.14
N ASN D 14 3.30 -13.43 25.56
CA ASN D 14 2.79 -14.66 26.14
C ASN D 14 1.76 -15.27 25.20
N ILE D 15 2.14 -16.40 24.61
CA ILE D 15 1.44 -16.93 23.47
C ILE D 15 0.56 -18.09 23.87
N SER D 16 -0.59 -18.18 23.23
CA SER D 16 -1.45 -19.34 23.39
C SER D 16 -1.60 -19.96 22.00
N ALA D 17 -2.14 -21.16 21.97
CA ALA D 17 -2.34 -21.88 20.73
C ALA D 17 -3.02 -23.20 21.04
N GLU D 18 -3.54 -23.85 20.02
CA GLU D 18 -4.15 -25.15 20.24
C GLU D 18 -3.21 -26.21 19.73
N LYS D 19 -3.22 -27.38 20.39
CA LYS D 19 -2.47 -28.55 19.97
C LYS D 19 -2.47 -28.64 18.45
N GLY D 20 -1.35 -29.05 17.86
CA GLY D 20 -1.30 -29.25 16.42
C GLY D 20 -0.73 -28.10 15.62
N GLY D 21 -1.06 -26.87 16.02
CA GLY D 21 -0.70 -25.69 15.26
C GLY D 21 0.77 -25.32 15.31
N SER D 22 1.12 -24.21 14.66
CA SER D 22 2.48 -23.72 14.65
C SER D 22 2.51 -22.34 15.26
N ILE D 23 3.64 -21.98 15.86
CA ILE D 23 3.79 -20.61 16.32
C ILE D 23 5.20 -20.11 16.07
N ILE D 24 5.34 -18.78 16.06
CA ILE D 24 6.64 -18.17 15.90
C ILE D 24 7.14 -17.62 17.23
N LEU D 25 8.30 -18.08 17.65
CA LEU D 25 8.99 -17.52 18.79
C LEU D 25 9.98 -16.51 18.26
N GLN D 26 9.89 -15.30 18.76
CA GLN D 26 10.72 -14.26 18.18
C GLN D 26 11.16 -13.28 19.25
N CYS D 27 12.43 -12.88 19.17
CA CYS D 27 12.93 -11.81 20.02
C CYS D 27 13.68 -10.81 19.17
N HIS D 28 13.84 -9.62 19.72
CA HIS D 28 14.66 -8.61 19.09
C HIS D 28 15.50 -7.86 20.13
N LEU D 29 16.80 -7.77 19.86
CA LEU D 29 17.70 -7.01 20.72
C LEU D 29 17.86 -5.58 20.22
N SER D 30 17.48 -4.60 21.03
CA SER D 30 17.60 -3.20 20.63
C SER D 30 18.41 -2.37 21.63
N SER D 31 18.69 -1.12 21.27
CA SER D 31 19.35 -0.16 22.16
C SER D 31 20.79 -0.52 22.56
N THR D 32 21.47 -1.29 21.72
CA THR D 32 22.90 -1.57 21.92
C THR D 32 23.62 -1.71 20.59
N THR D 33 24.92 -1.44 20.61
CA THR D 33 25.74 -1.48 19.40
C THR D 33 26.58 -2.74 19.40
N ALA D 34 26.46 -3.50 20.49
CA ALA D 34 27.29 -4.68 20.72
C ALA D 34 27.14 -5.72 19.60
N GLN D 35 28.20 -6.50 19.40
CA GLN D 35 28.18 -7.59 18.45
C GLN D 35 27.27 -8.69 19.00
N VAL D 36 26.50 -9.34 18.15
CA VAL D 36 25.74 -10.50 18.60
C VAL D 36 26.42 -11.78 18.13
N THR D 37 27.03 -12.51 19.07
CA THR D 37 27.83 -13.66 18.70
C THR D 37 27.07 -15.00 18.64
N GLN D 38 26.02 -15.12 19.46
CA GLN D 38 25.26 -16.38 19.57
C GLN D 38 23.85 -16.08 20.12
N VAL D 39 22.85 -16.83 19.66
CA VAL D 39 21.51 -16.77 20.28
C VAL D 39 21.08 -18.16 20.69
N ASN D 40 20.88 -18.36 21.99
CA ASN D 40 20.36 -19.62 22.50
C ASN D 40 18.85 -19.55 22.65
N TRP D 41 18.15 -20.54 22.11
CA TRP D 41 16.73 -20.68 22.41
C TRP D 41 16.54 -21.85 23.35
N GLU D 42 15.90 -21.62 24.48
CA GLU D 42 15.76 -22.68 25.48
C GLU D 42 14.34 -22.84 26.00
N GLN D 43 13.85 -24.09 25.97
CA GLN D 43 12.68 -24.44 26.76
C GLN D 43 13.11 -24.20 28.21
N GLN D 44 12.19 -24.33 29.16
CA GLN D 44 12.57 -24.01 30.53
C GLN D 44 13.70 -24.96 30.91
N ASP D 45 14.91 -24.43 30.95
CA ASP D 45 16.11 -25.22 31.28
C ASP D 45 16.29 -26.49 30.46
N GLN D 46 16.52 -26.29 29.17
CA GLN D 46 16.81 -27.34 28.22
C GLN D 46 16.93 -26.67 26.89
N LEU D 47 18.06 -26.86 26.22
CA LEU D 47 18.35 -26.16 24.98
C LEU D 47 17.43 -26.60 23.83
N LEU D 48 16.91 -25.61 23.11
CA LEU D 48 16.05 -25.86 21.95
C LEU D 48 16.87 -25.75 20.68
N ALA D 49 17.57 -24.63 20.53
CA ALA D 49 18.44 -24.41 19.38
C ALA D 49 19.45 -23.29 19.64
N ILE D 50 20.55 -23.32 18.90
CA ILE D 50 21.58 -22.30 18.98
C ILE D 50 21.86 -21.76 17.60
N CYS D 51 21.80 -20.45 17.44
CA CYS D 51 22.35 -19.81 16.24
C CYS D 51 23.69 -19.19 16.58
N ASN D 52 24.63 -19.31 15.65
CA ASN D 52 25.96 -18.73 15.82
C ASN D 52 26.34 -17.95 14.57
N ALA D 53 26.93 -16.77 14.74
CA ALA D 53 27.34 -15.96 13.61
C ALA D 53 28.40 -16.70 12.77
N ASP D 54 29.24 -17.48 13.45
CA ASP D 54 30.30 -18.24 12.79
C ASP D 54 29.75 -19.43 12.01
N LEU D 55 29.17 -20.39 12.73
CA LEU D 55 28.67 -21.62 12.12
C LEU D 55 27.27 -21.49 11.51
N GLY D 56 26.39 -20.80 12.23
CA GLY D 56 24.99 -20.70 11.86
C GLY D 56 24.17 -21.62 12.73
N TRP D 57 22.95 -21.91 12.31
CA TRP D 57 21.99 -22.67 13.13
C TRP D 57 22.42 -24.07 13.50
N HIS D 58 22.04 -24.48 14.71
CA HIS D 58 22.07 -25.88 15.13
C HIS D 58 20.90 -26.18 16.08
N ILE D 59 20.13 -27.21 15.74
CA ILE D 59 18.96 -27.56 16.53
C ILE D 59 19.24 -28.78 17.39
N SER D 60 18.75 -28.76 18.63
CA SER D 60 18.90 -29.91 19.50
C SER D 60 18.22 -31.12 18.88
N PRO D 61 18.79 -32.31 19.09
CA PRO D 61 18.34 -33.50 18.38
C PRO D 61 16.89 -33.81 18.69
N SER D 62 16.52 -33.72 19.96
CA SER D 62 15.15 -34.01 20.40
C SER D 62 14.10 -33.34 19.53
N PHE D 63 14.44 -32.14 19.01
CA PHE D 63 13.45 -31.25 18.42
C PHE D 63 13.54 -31.05 16.90
N LYS D 64 14.63 -31.47 16.26
CA LYS D 64 14.84 -31.16 14.84
C LYS D 64 13.62 -31.43 13.97
N ASP D 65 12.86 -32.45 14.35
CA ASP D 65 11.61 -32.83 13.69
C ASP D 65 10.54 -31.72 13.66
N ARG D 66 10.42 -30.99 14.76
CA ARG D 66 9.33 -30.02 14.94
C ARG D 66 9.77 -28.56 14.94
N VAL D 67 11.07 -28.30 14.87
CA VAL D 67 11.53 -26.93 15.02
C VAL D 67 12.32 -26.43 13.82
N ALA D 68 11.87 -25.32 13.26
CA ALA D 68 12.54 -24.69 12.14
C ALA D 68 13.15 -23.32 12.55
N PRO D 69 14.44 -23.11 12.22
CA PRO D 69 15.09 -21.80 12.44
C PRO D 69 14.35 -20.69 11.72
N GLY D 70 14.31 -19.51 12.33
CA GLY D 70 13.69 -18.34 11.73
C GLY D 70 12.21 -18.18 12.04
N PRO D 71 11.59 -17.09 11.56
CA PRO D 71 12.28 -16.05 10.78
C PRO D 71 13.30 -15.23 11.58
N GLY D 72 14.40 -14.88 10.94
CA GLY D 72 15.44 -14.11 11.58
C GLY D 72 16.08 -14.95 12.65
N LEU D 73 16.18 -14.40 13.85
CA LEU D 73 16.78 -15.12 14.98
C LEU D 73 15.70 -15.82 15.77
N GLY D 74 14.52 -15.88 15.18
CA GLY D 74 13.38 -16.52 15.81
C GLY D 74 13.36 -18.02 15.59
N LEU D 75 12.23 -18.63 15.91
CA LEU D 75 12.07 -20.07 15.86
C LEU D 75 10.62 -20.39 15.59
N THR D 76 10.36 -21.32 14.69
CA THR D 76 8.97 -21.73 14.44
C THR D 76 8.73 -23.13 15.02
N LEU D 77 7.66 -23.27 15.79
CA LEU D 77 7.29 -24.54 16.41
C LEU D 77 6.19 -25.23 15.62
N GLN D 78 6.51 -26.33 14.93
CA GLN D 78 5.48 -27.12 14.26
C GLN D 78 4.85 -28.11 15.24
N SER D 79 3.63 -28.57 14.91
CA SER D 79 3.00 -29.67 15.64
C SER D 79 3.10 -29.51 17.16
N LEU D 80 2.34 -28.60 17.74
CA LEU D 80 2.40 -28.40 19.19
C LEU D 80 1.64 -29.47 19.97
N THR D 81 2.08 -29.69 21.20
CA THR D 81 1.44 -30.61 22.14
C THR D 81 1.28 -29.90 23.48
N VAL D 82 0.33 -30.34 24.29
CA VAL D 82 0.07 -29.70 25.57
C VAL D 82 1.33 -29.70 26.46
N ASN D 83 2.31 -30.52 26.07
CA ASN D 83 3.55 -30.64 26.83
C ASN D 83 4.51 -29.50 26.53
N ASP D 84 4.28 -28.84 25.41
CA ASP D 84 5.13 -27.72 25.05
C ASP D 84 4.83 -26.52 25.93
N THR D 85 3.83 -26.64 26.78
CA THR D 85 3.46 -25.56 27.68
C THR D 85 4.53 -25.28 28.74
N GLY D 86 4.99 -24.04 28.79
CA GLY D 86 5.98 -23.63 29.76
C GLY D 86 6.65 -22.31 29.39
N GLU D 87 7.73 -21.97 30.09
CA GLU D 87 8.51 -20.81 29.72
C GLU D 87 9.49 -21.15 28.62
N TYR D 88 9.86 -20.11 27.85
CA TYR D 88 10.91 -20.20 26.85
C TYR D 88 11.76 -18.95 26.99
N PHE D 89 13.04 -19.05 26.67
CA PHE D 89 13.91 -17.89 26.77
C PHE D 89 14.74 -17.78 25.51
N CYS D 90 14.92 -16.55 25.04
CA CYS D 90 15.88 -16.27 23.99
C CYS D 90 17.06 -15.59 24.66
N ILE D 91 18.25 -16.12 24.44
CA ILE D 91 19.43 -15.65 25.13
C ILE D 91 20.44 -15.15 24.14
N TYR D 92 20.76 -13.87 24.23
CA TYR D 92 21.72 -13.27 23.32
C TYR D 92 23.09 -13.17 23.99
N HIS D 93 24.11 -13.76 23.35
CA HIS D 93 25.48 -13.65 23.82
C HIS D 93 26.15 -12.57 23.01
N THR D 94 26.53 -11.50 23.67
CA THR D 94 26.97 -10.30 22.99
C THR D 94 28.34 -9.84 23.48
N TYR D 95 29.07 -9.19 22.59
CA TYR D 95 30.39 -8.64 22.88
C TYR D 95 30.33 -7.15 22.62
N PRO D 96 30.77 -6.33 23.60
CA PRO D 96 31.32 -6.77 24.88
C PRO D 96 30.32 -6.68 26.05
N ASP D 97 29.03 -6.53 25.77
CA ASP D 97 28.03 -6.31 26.83
C ASP D 97 27.74 -7.54 27.68
N GLY D 98 27.88 -8.72 27.08
CA GLY D 98 27.56 -9.96 27.77
C GLY D 98 26.26 -10.61 27.31
N THR D 99 25.35 -10.85 28.24
CA THR D 99 24.19 -11.70 27.99
C THR D 99 22.84 -11.05 28.25
N TYR D 100 21.97 -11.09 27.26
CA TYR D 100 20.61 -10.54 27.38
C TYR D 100 19.55 -11.63 27.27
N THR D 101 18.53 -11.58 28.11
CA THR D 101 17.52 -12.64 28.13
C THR D 101 16.08 -12.13 28.04
N GLY D 102 15.33 -12.73 27.10
CA GLY D 102 13.91 -12.45 26.96
C GLY D 102 13.10 -13.67 27.35
N ARG D 103 11.89 -13.45 27.85
CA ARG D 103 11.06 -14.55 28.27
C ARG D 103 9.68 -14.54 27.65
N ILE D 104 9.35 -15.65 27.02
CA ILE D 104 8.05 -15.89 26.44
C ILE D 104 7.39 -17.04 27.20
N PHE D 105 6.16 -16.84 27.65
CA PHE D 105 5.43 -18.00 28.15
C PHE D 105 4.53 -18.57 27.07
N LEU D 106 4.67 -19.88 26.82
CA LEU D 106 3.87 -20.57 25.82
C LEU D 106 2.81 -21.47 26.45
N GLU D 107 1.55 -21.23 26.10
CA GLU D 107 0.46 -22.07 26.57
C GLU D 107 -0.18 -22.81 25.39
N VAL D 108 -0.42 -24.11 25.57
CA VAL D 108 -1.03 -24.90 24.52
C VAL D 108 -2.34 -25.50 25.01
N LEU D 109 -3.43 -25.17 24.33
CA LEU D 109 -4.77 -25.61 24.74
C LEU D 109 -5.19 -26.96 24.17
N GLU D 110 -5.98 -27.68 24.97
CA GLU D 110 -6.42 -29.04 24.67
C GLU D 110 -7.53 -29.08 23.63
#